data_4AOT
#
_entry.id   4AOT
#
_cell.length_a   55.690
_cell.length_b   87.510
_cell.length_c   148.590
_cell.angle_alpha   90.00
_cell.angle_beta   90.00
_cell.angle_gamma   90.00
#
_symmetry.space_group_name_H-M   'P 21 21 21'
#
loop_
_entity.id
_entity.type
_entity.pdbx_description
1 polymer 'Serine/threonine-protein kinase 10'
2 non-polymer 'CHLORIDE ION'
3 non-polymer 1-(4-{methyl[2-({4-[(methylsulfonyl)methyl]phenyl}amino)pyrimidin-4-yl]amino}phenyl)-3-{3-[(4-methylpiperazin-1-yl)carbonyl]phenyl}urea
4 water water
#
_entity_poly.entity_id   1
_entity_poly.type   'polypeptide(L)'
_entity_poly.pdbx_seq_one_letter_code
;SMRKSREYEHVRRDLDPNEVWEIVGELGDGAFGKVYKAKNKETGALAAAKVIETKSEEELEDYIVEIEILATCDHPYIVK
LLGAYYHDGKLWIMIEFCPGGAVDAIMLELDRGLTEPQIQVVCRQMLEALNFLHSKRIIHRDLKAGNVLMTLEGDIRLAD
FGVSAKNLKTLQKRDSFIGTPYWMAPEVVMCETMKDTPYDYKADIWSLGITLIEMAQIEPPHHELNPMRVLLKIAKSDPP
TLLTPSKWSVEFRDFLKIALDKNPETRPSAAQLLEHPFVSSITSNKALRELVAEAKAEVMEE
;
_entity_poly.pdbx_strand_id   A,B
#
loop_
_chem_comp.id
_chem_comp.type
_chem_comp.name
_chem_comp.formula
CL non-polymer 'CHLORIDE ION' 'Cl -1'
GW8 non-polymer 1-(4-{methyl[2-({4-[(methylsulfonyl)methyl]phenyl}amino)pyrimidin-4-yl]amino}phenyl)-3-{3-[(4-methylpiperazin-1-yl)carbonyl]phenyl}urea 'C32 H36 N8 O4 S'
#
# COMPACT_ATOMS: atom_id res chain seq x y z
N SER A 1 18.30 18.74 -27.88
CA SER A 1 18.38 17.38 -27.24
C SER A 1 17.08 17.06 -26.45
N MET A 2 16.86 15.78 -26.13
CA MET A 2 15.69 15.33 -25.32
C MET A 2 15.83 15.97 -23.93
N ARG A 3 14.79 16.47 -23.32
CA ARG A 3 14.94 17.22 -22.09
C ARG A 3 13.97 16.71 -21.01
N LYS A 4 14.36 16.93 -19.74
CA LYS A 4 13.56 16.60 -18.58
C LYS A 4 12.73 17.76 -18.10
N SER A 5 11.53 17.48 -17.59
CA SER A 5 10.72 18.49 -16.95
C SER A 5 11.26 18.81 -15.59
N ARG A 6 11.29 20.10 -15.34
CA ARG A 6 11.65 20.63 -14.05
C ARG A 6 10.40 21.08 -13.28
N GLU A 7 9.21 20.75 -13.78
CA GLU A 7 7.97 21.13 -13.08
C GLU A 7 7.52 19.96 -12.28
N TYR A 8 7.46 20.14 -11.00
CA TYR A 8 6.97 19.14 -10.09
C TYR A 8 5.85 19.66 -9.16
N GLU A 9 4.80 18.88 -8.94
CA GLU A 9 3.65 19.36 -8.14
C GLU A 9 4.09 19.74 -6.69
N HIS A 10 4.94 18.94 -6.10
CA HIS A 10 5.41 19.22 -4.70
C HIS A 10 6.63 20.13 -4.48
N VAL A 11 7.11 20.84 -5.49
CA VAL A 11 8.20 21.79 -5.29
C VAL A 11 7.73 23.12 -5.87
N ARG A 12 7.66 24.14 -5.06
CA ARG A 12 7.31 25.49 -5.52
C ARG A 12 8.64 26.26 -5.65
N ARG A 13 8.80 27.05 -6.73
CA ARG A 13 10.01 27.88 -6.97
C ARG A 13 9.70 29.38 -6.89
N ASP A 14 10.76 30.16 -6.74
CA ASP A 14 10.69 31.65 -6.66
C ASP A 14 9.67 32.19 -5.65
N LEU A 15 9.48 31.45 -4.55
CA LEU A 15 8.72 31.91 -3.40
C LEU A 15 9.62 31.84 -2.21
N ASP A 16 9.77 32.93 -1.47
CA ASP A 16 10.67 32.94 -0.28
C ASP A 16 9.93 32.22 0.82
N PRO A 17 10.37 30.98 1.20
CA PRO A 17 9.65 30.28 2.31
C PRO A 17 9.50 31.14 3.57
N ASN A 18 10.42 32.08 3.76
CA ASN A 18 10.44 32.92 4.97
C ASN A 18 9.30 33.92 5.05
N GLU A 19 8.56 34.11 3.97
CA GLU A 19 7.34 34.88 3.97
C GLU A 19 6.17 34.11 4.50
N VAL A 20 6.27 32.80 4.51
CA VAL A 20 5.16 31.92 4.86
C VAL A 20 5.42 31.24 6.19
N TRP A 21 6.68 30.96 6.51
CA TRP A 21 7.05 30.23 7.70
C TRP A 21 7.96 31.03 8.52
N GLU A 22 7.71 31.07 9.84
CA GLU A 22 8.62 31.69 10.78
C GLU A 22 9.46 30.58 11.39
N ILE A 23 10.80 30.74 11.38
CA ILE A 23 11.68 29.78 12.08
C ILE A 23 11.63 30.07 13.55
N VAL A 24 11.29 29.09 14.38
CA VAL A 24 11.22 29.33 15.80
C VAL A 24 12.24 28.44 16.54
N GLY A 25 13.15 27.77 15.85
CA GLY A 25 14.19 26.98 16.53
C GLY A 25 14.89 26.04 15.61
N GLU A 26 15.83 25.31 16.17
CA GLU A 26 16.63 24.33 15.44
C GLU A 26 16.38 22.96 15.99
N LEU A 27 16.19 21.98 15.13
CA LEU A 27 15.94 20.64 15.56
C LEU A 27 17.11 19.67 15.28
N GLY A 28 18.05 20.07 14.42
CA GLY A 28 19.11 19.19 13.97
C GLY A 28 20.03 19.92 13.03
N ASP A 29 21.23 19.38 12.81
CA ASP A 29 22.23 20.02 11.95
C ASP A 29 23.17 18.98 11.34
N GLY A 30 22.71 18.36 10.26
CA GLY A 30 23.44 17.25 9.64
C GLY A 30 24.42 17.67 8.58
N ALA A 31 24.95 16.67 7.90
CA ALA A 31 25.89 16.91 6.81
C ALA A 31 25.18 17.54 5.60
N PHE A 32 23.88 17.34 5.49
CA PHE A 32 23.17 17.86 4.33
C PHE A 32 22.50 19.21 4.60
N GLY A 33 22.25 19.49 5.87
CA GLY A 33 21.85 20.82 6.28
C GLY A 33 21.15 20.84 7.61
N LYS A 34 20.69 22.04 8.01
CA LYS A 34 19.89 22.21 9.20
C LYS A 34 18.43 21.82 9.02
N VAL A 35 17.87 21.25 10.08
CA VAL A 35 16.43 21.12 10.23
C VAL A 35 15.97 22.17 11.25
N TYR A 36 15.01 22.98 10.84
CA TYR A 36 14.45 23.99 11.71
C TYR A 36 13.05 23.57 12.16
N LYS A 37 12.61 24.10 13.31
CA LYS A 37 11.19 24.12 13.65
C LYS A 37 10.60 25.38 13.05
N ALA A 38 9.42 25.26 12.45
CA ALA A 38 8.83 26.41 11.82
C ALA A 38 7.35 26.52 12.16
N LYS A 39 6.88 27.77 12.25
CA LYS A 39 5.48 28.06 12.51
C LYS A 39 4.88 28.86 11.42
N ASN A 40 3.77 28.39 10.86
CA ASN A 40 3.07 29.07 9.74
C ASN A 40 2.54 30.45 10.14
N LYS A 41 2.90 31.49 9.40
CA LYS A 41 2.55 32.87 9.79
C LYS A 41 1.05 33.11 9.78
N GLU A 42 0.33 32.47 8.90
CA GLU A 42 -1.10 32.63 8.77
C GLU A 42 -1.92 31.76 9.77
N THR A 43 -1.47 30.55 10.06
CA THR A 43 -2.27 29.63 10.84
C THR A 43 -1.70 29.13 12.18
N GLY A 44 -0.40 29.24 12.42
CA GLY A 44 0.19 28.78 13.66
C GLY A 44 0.55 27.30 13.60
N ALA A 45 0.30 26.64 12.46
CA ALA A 45 0.56 25.21 12.29
C ALA A 45 2.05 24.96 12.29
N LEU A 46 2.49 23.82 12.78
CA LEU A 46 3.91 23.61 13.00
C LEU A 46 4.58 22.67 12.02
N ALA A 47 5.80 22.99 11.61
CA ALA A 47 6.47 22.06 10.72
C ALA A 47 7.94 21.91 11.13
N ALA A 48 8.49 20.78 10.69
CA ALA A 48 9.95 20.66 10.52
C ALA A 48 10.29 21.17 9.11
N ALA A 49 11.35 21.97 8.96
CA ALA A 49 11.89 22.42 7.66
C ALA A 49 13.30 21.93 7.47
N LYS A 50 13.57 21.10 6.48
CA LYS A 50 14.95 20.56 6.27
C LYS A 50 15.44 21.42 5.12
N VAL A 51 16.58 22.06 5.31
CA VAL A 51 17.03 23.06 4.36
C VAL A 51 18.42 22.73 3.80
N ILE A 52 18.50 22.49 2.49
CA ILE A 52 19.75 22.08 1.84
C ILE A 52 20.25 23.09 0.83
N GLU A 53 21.55 23.43 0.87
CA GLU A 53 22.20 24.15 -0.22
C GLU A 53 22.63 23.10 -1.21
N THR A 54 21.83 22.89 -2.25
CA THR A 54 22.17 21.88 -3.23
C THR A 54 23.19 22.40 -4.22
N LYS A 55 24.24 21.61 -4.41
CA LYS A 55 25.31 22.00 -5.30
C LYS A 55 24.78 21.77 -6.75
N SER A 56 24.70 20.50 -7.17
CA SER A 56 24.44 20.20 -8.57
C SER A 56 22.94 20.04 -8.89
N GLU A 57 22.60 20.30 -10.14
CA GLU A 57 21.26 20.03 -10.67
C GLU A 57 20.93 18.52 -10.63
N GLU A 58 21.96 17.66 -10.63
CA GLU A 58 21.78 16.22 -10.44
C GLU A 58 21.34 15.91 -9.02
N GLU A 59 22.02 16.53 -8.06
CA GLU A 59 21.72 16.43 -6.65
C GLU A 59 20.26 16.89 -6.41
N LEU A 60 19.94 18.08 -6.91
CA LEU A 60 18.63 18.65 -6.75
C LEU A 60 17.61 17.62 -7.24
N GLU A 61 17.88 17.09 -8.43
CA GLU A 61 17.00 16.13 -9.02
C GLU A 61 16.84 14.84 -8.19
N ASP A 62 17.93 14.34 -7.62
CA ASP A 62 17.85 13.17 -6.76
C ASP A 62 16.97 13.46 -5.56
N TYR A 63 17.16 14.61 -4.96
CA TYR A 63 16.36 14.94 -3.78
C TYR A 63 14.90 15.09 -4.10
N ILE A 64 14.60 15.81 -5.17
CA ILE A 64 13.22 16.01 -5.59
C ILE A 64 12.53 14.69 -5.91
N VAL A 65 13.21 13.73 -6.50
CA VAL A 65 12.60 12.41 -6.73
C VAL A 65 12.12 11.85 -5.39
N GLU A 66 12.98 11.93 -4.36
CA GLU A 66 12.62 11.48 -3.00
C GLU A 66 11.46 12.26 -2.41
N ILE A 67 11.45 13.57 -2.62
CA ILE A 67 10.30 14.33 -2.14
C ILE A 67 9.01 13.85 -2.82
N GLU A 68 9.07 13.67 -4.13
CA GLU A 68 7.88 13.22 -4.86
C GLU A 68 7.47 11.81 -4.44
N ILE A 69 8.41 10.94 -4.11
CA ILE A 69 8.05 9.64 -3.58
C ILE A 69 7.31 9.80 -2.25
N LEU A 70 7.84 10.63 -1.34
CA LEU A 70 7.21 10.88 -0.06
C LEU A 70 5.81 11.44 -0.25
N ALA A 71 5.64 12.28 -1.26
CA ALA A 71 4.33 12.91 -1.44
C ALA A 71 3.25 11.86 -1.67
N THR A 72 3.62 10.68 -2.15
CA THR A 72 2.66 9.60 -2.40
C THR A 72 2.53 8.67 -1.24
N CYS A 73 3.36 8.81 -0.20
CA CYS A 73 3.18 8.02 1.03
C CYS A 73 2.20 8.58 2.09
N ASP A 74 0.92 8.38 1.83
CA ASP A 74 -0.16 8.79 2.69
C ASP A 74 -0.47 7.59 3.59
N HIS A 75 0.23 7.48 4.69
CA HIS A 75 0.03 6.40 5.65
C HIS A 75 0.16 7.02 7.01
N PRO A 76 -0.65 6.56 7.98
CA PRO A 76 -0.65 7.24 9.30
C PRO A 76 0.63 7.17 10.10
N TYR A 77 1.48 6.19 9.80
CA TYR A 77 2.79 6.06 10.50
C TYR A 77 4.02 6.48 9.69
N ILE A 78 3.82 7.29 8.64
CA ILE A 78 4.94 7.86 7.87
C ILE A 78 4.84 9.38 7.92
N VAL A 79 5.97 10.08 8.15
CA VAL A 79 5.94 11.56 8.15
C VAL A 79 5.13 12.09 6.97
N LYS A 80 4.42 13.17 7.19
CA LYS A 80 3.57 13.78 6.24
C LYS A 80 4.33 14.94 5.65
N LEU A 81 4.55 14.88 4.34
CA LEU A 81 5.12 15.96 3.55
C LEU A 81 4.10 17.02 3.32
N LEU A 82 4.45 18.24 3.68
CA LEU A 82 3.58 19.34 3.44
C LEU A 82 3.86 19.72 2.04
N GLY A 83 5.14 19.90 1.77
CA GLY A 83 5.62 20.29 0.49
C GLY A 83 7.06 20.75 0.48
N ALA A 84 7.59 21.15 -0.67
CA ALA A 84 8.92 21.65 -0.70
C ALA A 84 9.02 22.97 -1.45
N TYR A 85 10.08 23.71 -1.13
CA TYR A 85 10.42 24.91 -1.86
C TYR A 85 11.84 24.86 -2.35
N TYR A 86 12.07 25.44 -3.50
CA TYR A 86 13.39 25.67 -3.95
C TYR A 86 13.49 27.17 -4.17
N HIS A 87 14.31 27.82 -3.35
CA HIS A 87 14.49 29.25 -3.36
C HIS A 87 15.91 29.57 -3.01
N ASP A 88 16.55 30.46 -3.80
CA ASP A 88 17.85 31.07 -3.44
C ASP A 88 18.91 30.00 -3.32
N GLY A 89 18.88 29.03 -4.21
CA GLY A 89 19.75 27.88 -4.10
C GLY A 89 19.47 26.93 -2.94
N LYS A 90 18.35 27.10 -2.23
CA LYS A 90 18.07 26.28 -1.06
C LYS A 90 16.80 25.45 -1.25
N LEU A 91 16.91 24.13 -1.06
CA LEU A 91 15.75 23.25 -1.14
C LEU A 91 15.21 23.13 0.26
N TRP A 92 13.98 23.57 0.49
CA TRP A 92 13.32 23.43 1.79
C TRP A 92 12.36 22.28 1.76
N ILE A 93 12.47 21.34 2.68
CA ILE A 93 11.50 20.24 2.77
C ILE A 93 10.65 20.42 4.05
N MET A 94 9.36 20.66 3.90
CA MET A 94 8.50 20.92 5.05
C MET A 94 7.75 19.64 5.43
N ILE A 95 7.86 19.19 6.69
CA ILE A 95 7.15 18.02 7.20
C ILE A 95 6.29 18.42 8.42
N GLU A 96 5.15 17.78 8.54
CA GLU A 96 4.29 17.98 9.71
C GLU A 96 5.07 17.72 11.00
N PHE A 97 5.08 18.71 11.92
CA PHE A 97 5.93 18.64 13.11
C PHE A 97 5.45 17.44 13.96
N CYS A 98 6.38 16.56 14.34
CA CYS A 98 6.18 15.54 15.37
C CYS A 98 6.84 16.04 16.64
N PRO A 99 6.05 16.41 17.63
CA PRO A 99 6.63 17.12 18.75
C PRO A 99 7.36 16.26 19.73
N GLY A 100 7.24 14.95 19.62
CA GLY A 100 7.90 14.06 20.57
C GLY A 100 9.38 13.86 20.25
N GLY A 101 9.77 14.13 19.02
CA GLY A 101 11.15 13.95 18.61
C GLY A 101 11.44 12.48 18.37
N ALA A 102 12.74 12.17 18.25
CA ALA A 102 13.16 10.85 17.77
C ALA A 102 13.37 9.90 18.94
N VAL A 103 13.11 8.61 18.70
CA VAL A 103 13.21 7.63 19.75
C VAL A 103 14.60 7.58 20.35
N ASP A 104 15.64 7.62 19.53
CA ASP A 104 17.02 7.56 20.10
C ASP A 104 17.36 8.80 20.94
N ALA A 105 16.85 9.97 20.58
CA ALA A 105 17.07 11.19 21.35
C ALA A 105 16.40 11.05 22.69
N ILE A 106 15.23 10.41 22.71
CA ILE A 106 14.51 10.12 23.94
C ILE A 106 15.30 9.16 24.84
N MET A 107 15.87 8.12 24.24
CA MET A 107 16.70 7.15 24.96
C MET A 107 17.92 7.79 25.59
N LEU A 108 18.60 8.65 24.84
CA LEU A 108 19.79 9.36 25.33
C LEU A 108 19.46 10.35 26.45
N GLU A 109 18.28 10.97 26.35
CA GLU A 109 17.83 11.96 27.33
C GLU A 109 17.58 11.27 28.69
N LEU A 110 16.85 10.16 28.65
CA LEU A 110 16.55 9.37 29.81
C LEU A 110 17.69 8.43 30.18
N ASP A 111 18.66 8.25 29.28
CA ASP A 111 19.75 7.30 29.49
C ASP A 111 19.20 5.89 29.77
N ARG A 112 18.29 5.44 28.91
CA ARG A 112 17.79 4.05 28.97
C ARG A 112 17.03 3.64 27.75
N GLY A 113 17.00 2.33 27.54
CA GLY A 113 16.33 1.73 26.40
C GLY A 113 14.84 1.64 26.61
N LEU A 114 14.12 1.29 25.55
CA LEU A 114 12.69 1.10 25.63
C LEU A 114 12.38 -0.21 26.33
N THR A 115 11.27 -0.22 27.04
CA THR A 115 10.75 -1.48 27.56
C THR A 115 10.33 -2.32 26.40
N GLU A 116 10.11 -3.61 26.62
CA GLU A 116 9.65 -4.46 25.53
C GLU A 116 8.27 -4.02 25.02
N PRO A 117 7.33 -3.64 25.91
CA PRO A 117 6.04 -3.15 25.40
C PRO A 117 6.11 -1.89 24.53
N GLN A 118 7.09 -1.01 24.79
CA GLN A 118 7.34 0.14 23.95
C GLN A 118 7.89 -0.31 22.61
N ILE A 119 8.88 -1.22 22.65
CA ILE A 119 9.45 -1.80 21.43
C ILE A 119 8.37 -2.53 20.59
N GLN A 120 7.41 -3.16 21.23
CA GLN A 120 6.28 -3.80 20.52
C GLN A 120 5.42 -2.84 19.70
N VAL A 121 5.09 -1.69 20.24
CA VAL A 121 4.31 -0.71 19.47
C VAL A 121 5.12 -0.14 18.30
N VAL A 122 6.36 0.24 18.59
CA VAL A 122 7.21 0.77 17.54
C VAL A 122 7.37 -0.24 16.44
N CYS A 123 7.62 -1.50 16.80
CA CYS A 123 7.82 -2.55 15.81
C CYS A 123 6.55 -2.73 14.97
N ARG A 124 5.42 -2.84 15.64
CA ARG A 124 4.15 -2.99 14.96
C ARG A 124 3.90 -1.85 13.97
N GLN A 125 4.02 -0.63 14.44
CA GLN A 125 3.77 0.52 13.58
C GLN A 125 4.78 0.60 12.45
N MET A 126 6.06 0.30 12.73
CA MET A 126 7.09 0.36 11.68
C MET A 126 6.76 -0.64 10.57
N LEU A 127 6.35 -1.87 10.96
CA LEU A 127 6.06 -2.91 9.99
C LEU A 127 4.88 -2.51 9.15
N GLU A 128 3.86 -1.93 9.75
CA GLU A 128 2.77 -1.41 8.92
C GLU A 128 3.24 -0.35 7.92
N ALA A 129 4.16 0.49 8.38
CA ALA A 129 4.67 1.56 7.53
C ALA A 129 5.41 0.89 6.40
N LEU A 130 6.24 -0.10 6.74
CA LEU A 130 7.06 -0.82 5.75
C LEU A 130 6.25 -1.64 4.77
N ASN A 131 5.27 -2.34 5.25
CA ASN A 131 4.43 -3.17 4.42
C ASN A 131 3.79 -2.29 3.40
N PHE A 132 3.40 -1.10 3.83
CA PHE A 132 2.77 -0.14 2.89
C PHE A 132 3.78 0.31 1.82
N LEU A 133 4.94 0.77 2.26
CA LEU A 133 5.93 1.25 1.31
C LEU A 133 6.34 0.13 0.33
N HIS A 134 6.63 -1.07 0.85
CA HIS A 134 7.05 -2.14 -0.06
C HIS A 134 5.99 -2.44 -1.08
N SER A 135 4.73 -2.31 -0.75
CA SER A 135 3.66 -2.70 -1.67
C SER A 135 3.49 -1.66 -2.76
N LYS A 136 3.90 -0.41 -2.47
CA LYS A 136 4.03 0.60 -3.52
C LYS A 136 5.43 0.52 -4.20
N ARG A 137 6.23 -0.52 -3.95
CA ARG A 137 7.57 -0.70 -4.52
C ARG A 137 8.63 0.29 -4.04
N ILE A 138 8.44 0.80 -2.81
CA ILE A 138 9.35 1.76 -2.24
C ILE A 138 10.26 1.02 -1.24
N ILE A 139 11.57 1.15 -1.41
CA ILE A 139 12.49 0.67 -0.41
C ILE A 139 12.87 1.85 0.45
N HIS A 140 12.88 1.70 1.78
CA HIS A 140 13.10 2.84 2.65
C HIS A 140 14.58 3.23 2.63
N ARG A 141 15.44 2.22 2.84
CA ARG A 141 16.90 2.33 2.75
C ARG A 141 17.60 3.09 3.90
N ASP A 142 16.86 3.53 4.92
CA ASP A 142 17.44 4.43 5.93
C ASP A 142 16.91 4.20 7.36
N LEU A 143 16.39 3.01 7.61
CA LEU A 143 15.81 2.68 8.90
C LEU A 143 16.82 2.66 10.04
N LYS A 144 16.48 3.35 11.13
CA LYS A 144 17.24 3.34 12.36
C LYS A 144 16.36 4.03 13.44
N ALA A 145 16.71 3.91 14.71
CA ALA A 145 15.95 4.58 15.78
C ALA A 145 15.80 6.12 15.51
N GLY A 146 16.78 6.72 14.86
CA GLY A 146 16.76 8.15 14.57
C GLY A 146 15.72 8.58 13.58
N ASN A 147 15.11 7.58 12.92
CA ASN A 147 14.05 7.83 11.94
C ASN A 147 12.69 7.63 12.52
N VAL A 148 12.63 7.14 13.75
CA VAL A 148 11.35 7.00 14.41
C VAL A 148 11.01 8.23 15.19
N LEU A 149 10.13 9.05 14.62
CA LEU A 149 9.66 10.24 15.30
C LEU A 149 8.36 9.92 16.01
N MET A 150 8.09 10.71 17.07
CA MET A 150 6.98 10.50 17.97
C MET A 150 6.01 11.67 17.97
N THR A 151 4.71 11.36 17.98
CA THR A 151 3.67 12.36 18.20
C THR A 151 3.28 12.34 19.67
N LEU A 152 2.52 13.35 20.12
CA LEU A 152 2.06 13.40 21.52
C LEU A 152 1.03 12.31 21.84
N GLU A 153 0.27 11.91 20.85
CA GLU A 153 -0.74 10.86 20.98
C GLU A 153 -0.13 9.47 21.18
N GLY A 154 1.16 9.32 20.91
CA GLY A 154 1.86 8.02 21.08
C GLY A 154 2.02 7.15 19.85
N ASP A 155 1.80 7.70 18.68
CA ASP A 155 2.10 6.99 17.43
C ASP A 155 3.45 7.43 16.89
N ILE A 156 4.08 6.57 16.09
CA ILE A 156 5.29 6.94 15.40
C ILE A 156 4.91 7.68 14.11
N ARG A 157 5.86 8.44 13.60
CA ARG A 157 5.90 8.80 12.19
C ARG A 157 7.26 8.39 11.72
N LEU A 158 7.32 7.56 10.69
CA LEU A 158 8.63 7.07 10.17
C LEU A 158 9.19 8.09 9.20
N ALA A 159 10.39 8.60 9.47
CA ALA A 159 11.01 9.63 8.65
C ALA A 159 11.66 8.97 7.43
N ASP A 160 11.51 9.57 6.26
CA ASP A 160 12.14 9.01 5.08
C ASP A 160 13.64 9.07 5.33
N PHE A 161 14.11 10.17 5.91
CA PHE A 161 15.50 10.37 6.16
C PHE A 161 15.63 10.93 7.57
N GLY A 162 16.70 10.53 8.25
CA GLY A 162 16.96 10.97 9.59
C GLY A 162 18.42 10.80 9.93
N VAL A 163 18.82 11.43 11.03
CA VAL A 163 20.17 11.38 11.58
C VAL A 163 20.13 10.76 12.97
N SER A 164 21.13 9.95 13.33
CA SER A 164 21.23 9.39 14.68
C SER A 164 21.47 10.55 15.66
N ALA A 165 20.96 10.42 16.89
CA ALA A 165 21.17 11.44 17.94
C ALA A 165 22.65 11.60 18.43
N GLY A 179 28.73 8.95 9.78
CA GLY A 179 27.63 8.00 9.77
C GLY A 179 28.12 6.57 9.55
N THR A 180 28.43 5.86 10.62
CA THR A 180 28.80 4.45 10.53
C THR A 180 27.55 3.60 10.23
N PRO A 181 27.67 2.66 9.28
CA PRO A 181 26.50 1.99 8.77
C PRO A 181 26.14 0.73 9.57
N TYR A 182 25.63 0.95 10.76
CA TYR A 182 25.30 -0.15 11.69
C TYR A 182 24.15 -1.02 11.22
N TRP A 183 23.29 -0.41 10.42
CA TRP A 183 22.05 -1.06 10.05
C TRP A 183 22.14 -1.74 8.72
N MET A 184 23.32 -1.78 8.11
CA MET A 184 23.43 -2.28 6.74
C MET A 184 23.25 -3.81 6.66
N ALA A 185 22.49 -4.25 5.65
CA ALA A 185 22.17 -5.67 5.46
C ALA A 185 23.36 -6.39 4.86
N PRO A 186 23.55 -7.65 5.27
CA PRO A 186 24.71 -8.39 4.79
C PRO A 186 24.77 -8.51 3.26
N GLU A 187 23.62 -8.57 2.59
CA GLU A 187 23.60 -8.65 1.12
C GLU A 187 24.18 -7.43 0.54
N VAL A 188 23.99 -6.29 1.20
CA VAL A 188 24.53 -5.04 0.68
C VAL A 188 26.03 -4.93 1.05
N VAL A 189 26.41 -5.54 2.17
CA VAL A 189 27.80 -5.61 2.60
C VAL A 189 28.61 -6.53 1.68
N MET A 190 28.10 -7.75 1.42
CA MET A 190 28.74 -8.80 0.59
C MET A 190 29.95 -9.45 1.29
N TYR A 199 19.47 -4.01 -4.58
CA TYR A 199 18.37 -3.22 -4.02
C TYR A 199 17.02 -3.96 -4.06
N ASP A 200 16.56 -4.31 -2.85
CA ASP A 200 15.45 -5.23 -2.64
C ASP A 200 14.83 -4.92 -1.29
N TYR A 201 13.53 -5.17 -1.19
CA TYR A 201 12.77 -4.77 -0.04
C TYR A 201 13.30 -5.45 1.21
N LYS A 202 13.92 -6.63 1.06
CA LYS A 202 14.32 -7.42 2.23
C LYS A 202 15.35 -6.74 3.09
N ALA A 203 16.16 -5.87 2.49
CA ALA A 203 17.20 -5.19 3.23
C ALA A 203 16.58 -4.35 4.31
N ASP A 204 15.36 -3.79 4.08
CA ASP A 204 14.69 -2.99 5.13
C ASP A 204 14.35 -3.86 6.32
N ILE A 205 14.00 -5.13 6.10
CA ILE A 205 13.67 -6.01 7.23
C ILE A 205 14.88 -6.21 8.17
N TRP A 206 16.06 -6.44 7.59
CA TRP A 206 17.29 -6.57 8.38
C TRP A 206 17.50 -5.32 9.20
N SER A 207 17.35 -4.15 8.57
CA SER A 207 17.62 -2.92 9.30
C SER A 207 16.61 -2.70 10.43
N LEU A 208 15.37 -3.14 10.22
CA LEU A 208 14.37 -3.11 11.30
C LEU A 208 14.89 -3.92 12.48
N GLY A 209 15.33 -5.14 12.22
CA GLY A 209 15.87 -5.98 13.26
C GLY A 209 16.96 -5.25 14.01
N ILE A 210 17.87 -4.60 13.29
CA ILE A 210 18.96 -3.91 13.97
C ILE A 210 18.37 -2.77 14.78
N THR A 211 17.37 -2.09 14.25
CA THR A 211 16.75 -0.97 14.96
C THR A 211 16.13 -1.40 16.27
N LEU A 212 15.57 -2.60 16.31
CA LEU A 212 14.91 -3.05 17.54
C LEU A 212 15.92 -3.31 18.66
N ILE A 213 17.02 -3.96 18.33
CA ILE A 213 18.16 -4.12 19.24
C ILE A 213 18.66 -2.74 19.69
N GLU A 214 18.73 -1.80 18.76
CA GLU A 214 19.12 -0.42 19.10
C GLU A 214 18.18 0.14 20.13
N MET A 215 16.89 -0.12 20.00
CA MET A 215 15.90 0.41 20.96
C MET A 215 15.95 -0.36 22.27
N ALA A 216 16.21 -1.65 22.19
CA ALA A 216 16.39 -2.46 23.41
C ALA A 216 17.59 -2.03 24.22
N GLN A 217 18.66 -1.60 23.56
CA GLN A 217 19.98 -1.43 24.22
C GLN A 217 20.61 -0.06 24.03
N ILE A 218 19.83 0.89 23.51
CA ILE A 218 20.24 2.29 23.26
C ILE A 218 21.13 2.40 22.05
N GLU A 219 22.14 1.56 21.95
CA GLU A 219 23.11 1.61 20.87
C GLU A 219 22.96 0.36 20.04
N PRO A 220 23.22 0.45 18.73
CA PRO A 220 23.11 -0.72 17.89
C PRO A 220 24.33 -1.63 18.01
N PRO A 221 24.21 -2.89 17.55
CA PRO A 221 25.31 -3.82 17.66
C PRO A 221 26.55 -3.26 17.04
N HIS A 222 27.69 -3.59 17.63
CA HIS A 222 29.00 -3.13 17.17
C HIS A 222 29.27 -1.67 17.40
N HIS A 223 28.49 -1.02 18.25
CA HIS A 223 28.78 0.38 18.61
C HIS A 223 30.16 0.57 19.19
N GLU A 224 30.67 -0.45 19.86
CA GLU A 224 31.94 -0.33 20.57
C GLU A 224 33.16 -0.38 19.64
N LEU A 225 32.96 -0.86 18.42
CA LEU A 225 34.10 -1.13 17.55
C LEU A 225 34.65 0.12 16.91
N ASN A 226 35.84 0.00 16.37
CA ASN A 226 36.43 0.94 15.45
C ASN A 226 35.48 1.04 14.24
N PRO A 227 34.94 2.24 13.98
CA PRO A 227 33.96 2.26 12.89
C PRO A 227 34.47 1.64 11.59
N MET A 228 35.77 1.75 11.33
CA MET A 228 36.40 1.14 10.17
C MET A 228 36.17 -0.37 10.08
N ARG A 229 35.88 -1.04 11.20
CA ARG A 229 35.62 -2.48 11.22
C ARG A 229 34.15 -2.89 11.17
N VAL A 230 33.21 -1.95 11.19
CA VAL A 230 31.83 -2.38 11.32
C VAL A 230 31.38 -3.25 10.13
N LEU A 231 31.60 -2.80 8.91
CA LEU A 231 31.16 -3.59 7.76
C LEU A 231 31.85 -4.97 7.73
N LEU A 232 33.16 -5.01 7.96
CA LEU A 232 33.85 -6.28 8.09
C LEU A 232 33.13 -7.20 9.08
N LYS A 233 32.78 -6.66 10.24
CA LYS A 233 32.20 -7.45 11.31
C LYS A 233 30.83 -7.95 10.90
N ILE A 234 30.06 -7.14 10.18
CA ILE A 234 28.76 -7.61 9.74
C ILE A 234 28.95 -8.82 8.84
N ALA A 235 29.92 -8.74 7.94
CA ALA A 235 30.09 -9.78 6.95
C ALA A 235 30.50 -11.09 7.59
N LYS A 236 31.46 -11.03 8.52
CA LYS A 236 32.07 -12.26 9.06
C LYS A 236 31.23 -12.86 10.21
N SER A 237 30.44 -12.05 10.88
CA SER A 237 29.78 -12.50 12.11
C SER A 237 28.45 -13.18 11.86
N ASP A 238 28.04 -13.97 12.84
CA ASP A 238 26.69 -14.50 12.89
C ASP A 238 25.80 -13.29 13.14
N PRO A 239 24.48 -13.43 12.88
CA PRO A 239 23.59 -12.31 13.16
C PRO A 239 23.61 -11.95 14.62
N PRO A 240 23.44 -10.66 14.94
CA PRO A 240 23.45 -10.23 16.34
C PRO A 240 22.20 -10.66 17.10
N THR A 241 22.36 -10.76 18.41
CA THR A 241 21.32 -11.21 19.33
C THR A 241 21.29 -10.20 20.51
N LEU A 242 20.21 -10.22 21.26
CA LEU A 242 20.13 -9.36 22.43
C LEU A 242 21.22 -9.77 23.46
N LEU A 243 21.78 -8.76 24.15
CA LEU A 243 22.89 -8.96 25.07
C LEU A 243 22.48 -9.74 26.32
N THR A 244 21.32 -9.39 26.89
CA THR A 244 20.78 -10.10 28.06
C THR A 244 19.43 -10.78 27.76
N PRO A 245 19.48 -11.92 27.03
CA PRO A 245 18.26 -12.60 26.56
C PRO A 245 17.18 -12.86 27.61
N SER A 246 17.58 -13.17 28.85
CA SER A 246 16.60 -13.45 29.90
C SER A 246 15.73 -12.24 30.25
N LYS A 247 16.20 -11.03 29.87
CA LYS A 247 15.43 -9.80 30.11
C LYS A 247 14.24 -9.66 29.14
N TRP A 248 14.19 -10.50 28.11
CA TRP A 248 13.27 -10.30 27.01
C TRP A 248 12.47 -11.53 26.73
N SER A 249 11.29 -11.35 26.13
CA SER A 249 10.38 -12.49 25.95
C SER A 249 10.83 -13.41 24.81
N VAL A 250 10.34 -14.65 24.87
CA VAL A 250 10.61 -15.64 23.84
C VAL A 250 10.16 -15.12 22.48
N GLU A 251 9.02 -14.44 22.46
CA GLU A 251 8.48 -13.80 21.25
C GLU A 251 9.50 -12.85 20.59
N PHE A 252 10.06 -11.97 21.41
CA PHE A 252 10.97 -10.94 20.95
C PHE A 252 12.23 -11.60 20.38
N ARG A 253 12.81 -12.53 21.12
CA ARG A 253 14.02 -13.23 20.64
C ARG A 253 13.78 -14.00 19.33
N ASP A 254 12.61 -14.59 19.20
CA ASP A 254 12.21 -15.28 17.97
C ASP A 254 12.02 -14.30 16.80
N PHE A 255 11.41 -13.15 17.07
CA PHE A 255 11.17 -12.15 16.03
C PHE A 255 12.53 -11.73 15.42
N LEU A 256 13.47 -11.38 16.28
CA LEU A 256 14.85 -11.04 15.88
C LEU A 256 15.51 -12.15 15.11
N LYS A 257 15.45 -13.37 15.65
CA LYS A 257 16.08 -14.50 15.02
C LYS A 257 15.67 -14.56 13.57
N ILE A 258 14.37 -14.43 13.27
CA ILE A 258 13.94 -14.60 11.91
C ILE A 258 14.11 -13.35 11.06
N ALA A 259 13.97 -12.16 11.67
CA ALA A 259 14.19 -10.92 10.93
C ALA A 259 15.66 -10.77 10.55
N LEU A 260 16.57 -11.07 11.49
CA LEU A 260 18.03 -11.01 11.27
C LEU A 260 18.60 -12.28 10.60
N ASP A 261 17.98 -12.64 9.48
CA ASP A 261 18.40 -13.77 8.62
C ASP A 261 19.38 -13.21 7.59
N LYS A 262 20.59 -13.80 7.48
CA LYS A 262 21.62 -13.21 6.60
C LYS A 262 21.28 -13.44 5.16
N ASN A 263 20.44 -14.43 4.92
CA ASN A 263 19.99 -14.72 3.58
C ASN A 263 18.69 -13.95 3.27
N PRO A 264 18.77 -12.97 2.37
CA PRO A 264 17.57 -12.21 2.06
C PRO A 264 16.42 -13.04 1.49
N GLU A 265 16.72 -14.15 0.79
CA GLU A 265 15.67 -15.04 0.25
C GLU A 265 14.77 -15.66 1.34
N THR A 266 15.36 -16.14 2.41
CA THR A 266 14.61 -16.80 3.48
C THR A 266 14.11 -15.80 4.52
N ARG A 267 14.70 -14.61 4.51
CA ARG A 267 14.27 -13.56 5.41
C ARG A 267 12.80 -13.27 5.11
N PRO A 268 11.97 -13.17 6.15
CA PRO A 268 10.55 -12.89 5.96
C PRO A 268 10.25 -11.47 5.52
N SER A 269 9.13 -11.33 4.79
CA SER A 269 8.61 -10.01 4.41
C SER A 269 7.99 -9.26 5.58
N ALA A 270 7.76 -7.97 5.39
CA ALA A 270 7.03 -7.18 6.37
C ALA A 270 5.63 -7.76 6.57
N ALA A 271 4.96 -8.12 5.50
CA ALA A 271 3.67 -8.79 5.64
C ALA A 271 3.73 -10.00 6.54
N GLN A 272 4.75 -10.84 6.36
CA GLN A 272 4.85 -12.06 7.17
C GLN A 272 5.13 -11.73 8.65
N LEU A 273 6.03 -10.79 8.89
CA LEU A 273 6.34 -10.33 10.24
C LEU A 273 5.13 -9.76 11.02
N LEU A 274 4.22 -9.06 10.33
CA LEU A 274 3.00 -8.52 10.95
C LEU A 274 2.08 -9.61 11.54
N GLU A 275 2.27 -10.86 11.11
CA GLU A 275 1.57 -12.00 11.73
C GLU A 275 2.36 -12.75 12.80
N HIS A 276 3.53 -12.25 13.17
CA HIS A 276 4.32 -12.88 14.23
C HIS A 276 3.73 -12.56 15.58
N PRO A 277 3.73 -13.53 16.50
CA PRO A 277 3.07 -13.25 17.79
C PRO A 277 3.61 -12.03 18.53
N PHE A 278 4.81 -11.59 18.22
CA PHE A 278 5.40 -10.44 18.91
C PHE A 278 4.62 -9.16 18.64
N VAL A 279 3.98 -9.08 17.49
CA VAL A 279 3.25 -7.88 17.10
C VAL A 279 1.81 -8.13 16.63
N SER A 280 1.41 -9.38 16.39
CA SER A 280 0.11 -9.65 15.76
C SER A 280 -1.08 -9.19 16.63
N SER A 281 -0.86 -9.09 17.94
CA SER A 281 -1.92 -8.70 18.86
C SER A 281 -1.78 -7.27 19.37
N ILE A 282 -0.87 -6.48 18.82
CA ILE A 282 -0.63 -5.16 19.36
C ILE A 282 -1.60 -4.19 18.73
N THR A 283 -2.49 -3.65 19.57
CA THR A 283 -3.57 -2.78 19.11
C THR A 283 -3.60 -1.43 19.84
N SER A 284 -2.82 -1.28 20.92
CA SER A 284 -2.81 -0.03 21.68
C SER A 284 -1.45 0.63 21.78
N ASN A 285 -1.41 1.95 21.61
CA ASN A 285 -0.14 2.69 21.71
C ASN A 285 0.25 3.16 23.11
N LYS A 286 -0.44 2.68 24.15
CA LYS A 286 -0.29 3.28 25.46
C LYS A 286 1.14 3.26 25.96
N ALA A 287 1.84 2.13 25.81
CA ALA A 287 3.23 2.03 26.33
C ALA A 287 4.11 3.21 25.85
N LEU A 288 3.99 3.47 24.57
CA LEU A 288 4.72 4.56 23.94
C LEU A 288 4.24 5.94 24.35
N ARG A 289 2.92 6.12 24.35
CA ARG A 289 2.34 7.36 24.85
C ARG A 289 2.96 7.74 26.21
N GLU A 290 3.16 6.77 27.10
CA GLU A 290 3.72 7.07 28.41
C GLU A 290 5.19 7.48 28.34
N LEU A 291 5.93 6.91 27.39
CA LEU A 291 7.34 7.23 27.20
C LEU A 291 7.56 8.68 26.75
N VAL A 292 6.73 9.14 25.80
CA VAL A 292 6.76 10.53 25.35
C VAL A 292 6.38 11.47 26.50
N ALA A 293 5.35 11.10 27.27
CA ALA A 293 4.95 11.90 28.43
C ALA A 293 6.13 12.09 29.41
N GLU A 294 6.84 11.00 29.71
CA GLU A 294 8.00 11.04 30.60
C GLU A 294 9.11 11.92 30.07
N ALA A 295 9.43 11.76 28.79
CA ALA A 295 10.52 12.52 28.19
C ALA A 295 10.20 14.01 28.11
N LYS A 296 8.91 14.33 28.17
CA LYS A 296 8.42 15.70 28.10
C LYS A 296 8.68 16.44 29.41
N ALA A 297 8.63 15.72 30.52
CA ALA A 297 8.87 16.28 31.85
C ALA A 297 10.35 16.50 32.16
N GLU A 298 11.20 15.63 31.61
CA GLU A 298 12.65 15.64 31.87
C GLU A 298 13.38 16.82 31.21
N VAL A 299 12.87 17.30 30.08
CA VAL A 299 13.52 18.39 29.34
C VAL A 299 13.39 19.73 30.09
N SER B 1 14.91 7.26 0.24
CA SER B 1 13.99 6.20 -0.31
C SER B 1 14.14 6.01 -1.83
N MET B 2 13.80 4.85 -2.37
CA MET B 2 13.84 4.66 -3.82
C MET B 2 12.68 3.79 -4.32
N ARG B 3 12.23 4.00 -5.55
CA ARG B 3 11.12 3.22 -6.06
CA ARG B 3 11.08 3.28 -6.10
C ARG B 3 11.62 2.26 -7.11
N LYS B 4 11.38 0.96 -6.89
CA LYS B 4 11.82 -0.04 -7.89
C LYS B 4 10.93 0.08 -9.09
N SER B 5 11.54 -0.12 -10.26
CA SER B 5 10.83 -0.14 -11.54
C SER B 5 10.07 -1.48 -11.72
N ARG B 6 9.11 -1.51 -12.63
CA ARG B 6 8.43 -2.76 -12.99
C ARG B 6 8.74 -3.10 -14.45
N GLU B 7 8.40 -4.31 -14.85
CA GLU B 7 8.46 -4.71 -16.25
C GLU B 7 7.06 -4.62 -16.87
N TYR B 8 6.99 -4.07 -18.08
CA TYR B 8 5.77 -4.02 -18.87
C TYR B 8 5.82 -5.09 -19.94
N GLU B 9 4.69 -5.76 -20.15
CA GLU B 9 4.60 -6.82 -21.15
C GLU B 9 3.56 -6.46 -22.21
N HIS B 10 3.72 -7.01 -23.40
CA HIS B 10 2.83 -6.70 -24.47
C HIS B 10 2.49 -7.96 -25.17
N VAL B 11 1.50 -7.82 -26.04
CA VAL B 11 0.95 -8.89 -26.83
C VAL B 11 1.99 -9.27 -27.88
N ARG B 12 2.54 -10.47 -27.73
CA ARG B 12 3.60 -10.96 -28.60
C ARG B 12 3.01 -11.96 -29.58
N ARG B 13 3.49 -11.91 -30.82
CA ARG B 13 3.14 -12.91 -31.86
C ARG B 13 4.36 -13.76 -32.24
N ASP B 16 5.72 -18.21 -28.62
CA ASP B 16 5.13 -19.47 -28.11
C ASP B 16 5.11 -19.38 -26.61
N PRO B 17 3.90 -19.27 -26.03
CA PRO B 17 3.81 -19.13 -24.58
C PRO B 17 4.46 -20.25 -23.78
N ASN B 18 4.51 -21.45 -24.35
CA ASN B 18 5.10 -22.60 -23.67
C ASN B 18 6.62 -22.53 -23.48
N GLU B 19 7.29 -21.63 -24.21
CA GLU B 19 8.73 -21.42 -24.07
C GLU B 19 9.01 -20.51 -22.88
N VAL B 20 7.97 -19.86 -22.34
CA VAL B 20 8.10 -18.93 -21.24
C VAL B 20 7.32 -19.36 -19.98
N TRP B 21 6.18 -20.04 -20.15
CA TRP B 21 5.31 -20.44 -19.03
C TRP B 21 5.11 -21.91 -18.99
N GLU B 22 5.17 -22.50 -17.79
CA GLU B 22 4.82 -23.91 -17.57
C GLU B 22 3.48 -24.01 -16.87
N ILE B 23 2.63 -24.93 -17.32
CA ILE B 23 1.30 -25.14 -16.70
C ILE B 23 1.49 -25.98 -15.45
N VAL B 24 1.01 -25.48 -14.31
CA VAL B 24 1.13 -26.19 -13.05
C VAL B 24 -0.23 -26.72 -12.54
N GLY B 25 -1.32 -26.50 -13.28
CA GLY B 25 -2.65 -26.94 -12.83
C GLY B 25 -3.80 -26.24 -13.51
N GLU B 26 -5.01 -26.55 -13.04
CA GLU B 26 -6.26 -25.99 -13.54
C GLU B 26 -6.96 -25.20 -12.46
N LEU B 27 -7.46 -24.03 -12.78
CA LEU B 27 -8.12 -23.17 -11.79
C LEU B 27 -9.64 -23.09 -12.00
N GLY B 28 -10.11 -23.49 -13.18
CA GLY B 28 -11.52 -23.34 -13.54
C GLY B 28 -11.80 -23.88 -14.92
N ASP B 29 -13.08 -24.11 -15.21
CA ASP B 29 -13.57 -24.47 -16.54
C ASP B 29 -14.90 -23.74 -16.80
N GLY B 30 -14.79 -22.45 -17.10
CA GLY B 30 -15.96 -21.57 -17.20
C GLY B 30 -16.52 -21.40 -18.59
N ALA B 31 -17.38 -20.39 -18.75
CA ALA B 31 -17.96 -20.02 -20.05
C ALA B 31 -17.00 -19.19 -20.91
N PHE B 32 -15.94 -18.66 -20.30
CA PHE B 32 -14.92 -17.95 -21.06
C PHE B 32 -13.82 -18.91 -21.53
N GLY B 33 -13.68 -20.04 -20.81
CA GLY B 33 -12.78 -21.13 -21.21
C GLY B 33 -12.20 -21.84 -20.01
N LYS B 34 -11.30 -22.79 -20.26
CA LYS B 34 -10.49 -23.41 -19.19
C LYS B 34 -9.41 -22.41 -18.74
N VAL B 35 -9.31 -22.18 -17.42
CA VAL B 35 -8.26 -21.32 -16.84
C VAL B 35 -7.23 -22.18 -16.14
N TYR B 36 -5.96 -21.90 -16.43
CA TYR B 36 -4.85 -22.64 -15.87
C TYR B 36 -4.09 -21.84 -14.85
N LYS B 37 -3.37 -22.53 -13.97
CA LYS B 37 -2.29 -21.93 -13.22
C LYS B 37 -0.99 -22.12 -13.99
N ALA B 38 -0.19 -21.05 -14.05
CA ALA B 38 1.06 -21.10 -14.80
C ALA B 38 2.23 -20.54 -13.99
N LYS B 39 3.42 -21.11 -14.20
CA LYS B 39 4.63 -20.69 -13.51
C LYS B 39 5.66 -20.23 -14.53
N ASN B 40 6.17 -19.01 -14.38
CA ASN B 40 7.19 -18.43 -15.28
C ASN B 40 8.54 -19.16 -15.16
N LYS B 41 9.01 -19.73 -16.26
CA LYS B 41 10.21 -20.59 -16.21
C LYS B 41 11.47 -19.83 -15.83
N GLU B 42 11.54 -18.51 -16.08
CA GLU B 42 12.67 -17.67 -15.68
C GLU B 42 12.57 -17.06 -14.28
N THR B 43 11.43 -16.46 -13.94
CA THR B 43 11.33 -15.66 -12.72
C THR B 43 10.70 -16.39 -11.53
N GLY B 44 9.95 -17.47 -11.77
CA GLY B 44 9.24 -18.17 -10.70
C GLY B 44 7.82 -17.63 -10.42
N ALA B 45 7.45 -16.53 -11.06
CA ALA B 45 6.16 -15.86 -10.79
C ALA B 45 4.97 -16.69 -11.23
N LEU B 46 3.87 -16.57 -10.50
CA LEU B 46 2.67 -17.37 -10.76
C LEU B 46 1.63 -16.54 -11.54
N ALA B 47 0.94 -17.17 -12.48
CA ALA B 47 -0.10 -16.47 -13.19
C ALA B 47 -1.34 -17.32 -13.38
N ALA B 48 -2.49 -16.64 -13.56
CA ALA B 48 -3.67 -17.27 -14.10
C ALA B 48 -3.62 -17.11 -15.61
N ALA B 49 -3.74 -18.23 -16.35
CA ALA B 49 -3.41 -18.29 -17.78
C ALA B 49 -4.64 -18.75 -18.53
N LYS B 50 -5.05 -17.99 -19.53
CA LYS B 50 -6.31 -18.29 -20.21
C LYS B 50 -6.27 -18.01 -21.70
N VAL B 51 -6.94 -18.84 -22.48
CA VAL B 51 -7.17 -18.51 -23.90
C VAL B 51 -8.45 -17.71 -23.97
N ILE B 52 -8.38 -16.54 -24.60
CA ILE B 52 -9.56 -15.72 -24.84
C ILE B 52 -10.03 -16.12 -26.21
N GLU B 53 -11.27 -16.62 -26.31
CA GLU B 53 -11.77 -17.12 -27.58
C GLU B 53 -12.10 -15.92 -28.47
N THR B 54 -11.86 -16.09 -29.76
CA THR B 54 -12.13 -15.09 -30.75
C THR B 54 -12.69 -15.76 -31.99
N LYS B 55 -13.81 -15.24 -32.48
CA LYS B 55 -14.30 -15.55 -33.82
C LYS B 55 -13.51 -14.70 -34.84
N SER B 56 -13.78 -13.39 -34.86
CA SER B 56 -13.35 -12.54 -35.97
C SER B 56 -11.96 -11.92 -35.74
N GLU B 57 -11.26 -11.57 -36.82
CA GLU B 57 -10.04 -10.75 -36.78
C GLU B 57 -10.28 -9.35 -36.19
N GLU B 58 -11.52 -8.84 -36.31
CA GLU B 58 -11.89 -7.57 -35.65
C GLU B 58 -11.95 -7.75 -34.15
N GLU B 59 -12.53 -8.86 -33.71
CA GLU B 59 -12.62 -9.25 -32.29
C GLU B 59 -11.20 -9.36 -31.71
N LEU B 60 -10.35 -10.13 -32.40
CA LEU B 60 -8.99 -10.32 -31.97
C LEU B 60 -8.33 -8.94 -31.74
N GLU B 61 -8.49 -8.07 -32.73
CA GLU B 61 -7.91 -6.71 -32.71
C GLU B 61 -8.47 -5.85 -31.56
N ASP B 62 -9.77 -5.95 -31.29
CA ASP B 62 -10.38 -5.24 -30.15
C ASP B 62 -9.76 -5.72 -28.83
N TYR B 63 -9.66 -7.03 -28.66
CA TYR B 63 -9.20 -7.55 -27.38
C TYR B 63 -7.77 -7.14 -27.15
N ILE B 64 -6.95 -7.21 -28.19
CA ILE B 64 -5.54 -6.81 -28.12
C ILE B 64 -5.41 -5.36 -27.68
N VAL B 65 -6.22 -4.47 -28.24
CA VAL B 65 -6.20 -3.07 -27.78
C VAL B 65 -6.45 -2.98 -26.30
N GLU B 66 -7.48 -3.68 -25.82
CA GLU B 66 -7.86 -3.67 -24.38
C GLU B 66 -6.75 -4.27 -23.53
N ILE B 67 -6.17 -5.37 -24.00
CA ILE B 67 -5.08 -5.97 -23.28
C ILE B 67 -3.92 -4.96 -23.17
N GLU B 68 -3.63 -4.23 -24.24
CA GLU B 68 -2.57 -3.23 -24.20
C GLU B 68 -2.85 -2.05 -23.24
N ILE B 69 -4.12 -1.65 -23.09
CA ILE B 69 -4.46 -0.63 -22.08
C ILE B 69 -4.16 -1.21 -20.69
N LEU B 70 -4.61 -2.43 -20.42
CA LEU B 70 -4.25 -3.08 -19.14
C LEU B 70 -2.73 -3.23 -18.93
N ALA B 71 -2.01 -3.54 -19.98
CA ALA B 71 -0.55 -3.79 -19.88
C ALA B 71 0.23 -2.67 -19.18
N THR B 72 -0.21 -1.42 -19.34
CA THR B 72 0.59 -0.29 -18.84
C THR B 72 -0.07 0.50 -17.73
N CYS B 73 -1.20 0.03 -17.22
CA CYS B 73 -1.68 0.39 -15.89
C CYS B 73 -0.63 -0.09 -14.88
N ASP B 74 -0.14 0.84 -14.05
CA ASP B 74 0.68 0.48 -12.90
C ASP B 74 0.01 0.96 -11.60
N HIS B 75 -0.90 0.14 -11.07
CA HIS B 75 -1.56 0.38 -9.78
C HIS B 75 -1.71 -0.93 -9.06
N PRO B 76 -1.39 -0.96 -7.74
CA PRO B 76 -1.39 -2.25 -7.02
C PRO B 76 -2.77 -2.93 -6.93
N TYR B 77 -3.85 -2.18 -7.02
CA TYR B 77 -5.20 -2.76 -6.89
C TYR B 77 -5.86 -3.08 -8.25
N ILE B 78 -5.08 -3.12 -9.32
CA ILE B 78 -5.54 -3.53 -10.65
C ILE B 78 -4.67 -4.70 -11.10
N VAL B 79 -5.26 -5.85 -11.42
CA VAL B 79 -4.47 -7.00 -11.79
C VAL B 79 -3.32 -6.61 -12.71
N LYS B 80 -2.21 -7.34 -12.60
CA LYS B 80 -1.01 -7.10 -13.38
C LYS B 80 -0.90 -8.09 -14.56
N LEU B 81 -0.68 -7.55 -15.76
CA LEU B 81 -0.49 -8.36 -16.92
C LEU B 81 0.95 -8.87 -16.87
N LEU B 82 1.12 -10.19 -16.77
CA LEU B 82 2.46 -10.79 -16.71
C LEU B 82 2.88 -11.32 -18.08
N GLY B 83 1.92 -11.49 -18.99
CA GLY B 83 2.21 -11.81 -20.37
C GLY B 83 0.97 -11.96 -21.20
N ALA B 84 1.14 -11.97 -22.52
CA ALA B 84 0.03 -12.08 -23.44
C ALA B 84 0.51 -12.44 -24.86
N TYR B 85 -0.16 -13.38 -25.51
CA TYR B 85 0.36 -13.97 -26.74
C TYR B 85 -0.70 -14.34 -27.72
N TYR B 86 -0.34 -14.23 -29.00
CA TYR B 86 -1.15 -14.79 -30.04
C TYR B 86 -0.26 -15.77 -30.80
N HIS B 87 -0.64 -17.05 -30.69
CA HIS B 87 0.09 -18.19 -31.15
C HIS B 87 -0.88 -19.28 -31.52
N ASP B 88 -0.75 -19.83 -32.72
CA ASP B 88 -1.54 -21.01 -33.07
C ASP B 88 -3.03 -20.70 -33.16
N GLY B 89 -3.39 -19.49 -33.60
CA GLY B 89 -4.78 -19.04 -33.55
C GLY B 89 -5.33 -18.84 -32.14
N LYS B 90 -4.46 -18.85 -31.12
CA LYS B 90 -4.91 -18.77 -29.75
C LYS B 90 -4.37 -17.49 -29.12
N LEU B 91 -5.27 -16.67 -28.56
CA LEU B 91 -4.88 -15.45 -27.82
C LEU B 91 -4.73 -15.77 -26.33
N TRP B 92 -3.51 -15.82 -25.81
CA TRP B 92 -3.30 -16.12 -24.39
C TRP B 92 -3.20 -14.91 -23.55
N ILE B 93 -3.88 -14.89 -22.39
CA ILE B 93 -3.62 -13.87 -21.34
C ILE B 93 -3.00 -14.50 -20.08
N MET B 94 -1.96 -13.89 -19.56
CA MET B 94 -1.45 -14.26 -18.23
C MET B 94 -1.59 -13.09 -17.27
N ILE B 95 -2.36 -13.30 -16.21
CA ILE B 95 -2.54 -12.29 -15.22
C ILE B 95 -1.89 -12.78 -13.95
N GLU B 96 -1.30 -11.85 -13.18
CA GLU B 96 -0.62 -12.19 -11.94
C GLU B 96 -1.58 -12.88 -11.00
N PHE B 97 -1.17 -14.07 -10.54
CA PHE B 97 -2.02 -14.95 -9.76
C PHE B 97 -2.43 -14.26 -8.46
N CYS B 98 -3.74 -14.24 -8.19
CA CYS B 98 -4.27 -13.88 -6.89
C CYS B 98 -4.82 -15.13 -6.24
N PRO B 99 -4.15 -15.64 -5.20
CA PRO B 99 -4.52 -16.98 -4.72
C PRO B 99 -5.81 -17.03 -3.92
N GLY B 100 -6.32 -15.88 -3.50
CA GLY B 100 -7.54 -15.86 -2.71
C GLY B 100 -8.79 -16.06 -3.53
N GLY B 101 -8.70 -15.83 -4.83
CA GLY B 101 -9.85 -15.96 -5.71
C GLY B 101 -10.75 -14.74 -5.62
N ALA B 102 -11.94 -14.85 -6.18
CA ALA B 102 -12.90 -13.74 -6.20
C ALA B 102 -13.70 -13.67 -4.91
N VAL B 103 -14.05 -12.45 -4.52
CA VAL B 103 -14.84 -12.22 -3.33
C VAL B 103 -16.15 -12.99 -3.33
N ASP B 104 -16.86 -13.02 -4.45
CA ASP B 104 -18.14 -13.76 -4.49
C ASP B 104 -17.95 -15.28 -4.34
N ALA B 105 -16.85 -15.82 -4.87
CA ALA B 105 -16.52 -17.24 -4.71
C ALA B 105 -16.30 -17.55 -3.24
N ILE B 106 -15.65 -16.61 -2.56
CA ILE B 106 -15.42 -16.73 -1.13
C ILE B 106 -16.74 -16.74 -0.35
N MET B 107 -17.64 -15.83 -0.70
CA MET B 107 -18.95 -15.72 -0.07
C MET B 107 -19.75 -16.99 -0.24
N LEU B 108 -19.73 -17.55 -1.45
CA LEU B 108 -20.43 -18.81 -1.75
C LEU B 108 -19.87 -20.00 -0.99
N GLU B 109 -18.54 -20.01 -0.81
CA GLU B 109 -17.85 -21.09 -0.15
C GLU B 109 -18.20 -21.14 1.34
N LEU B 110 -18.15 -19.96 1.97
CA LEU B 110 -18.52 -19.78 3.36
C LEU B 110 -20.03 -19.65 3.55
N ASP B 111 -20.79 -19.43 2.48
CA ASP B 111 -22.24 -19.21 2.56
C ASP B 111 -22.58 -18.03 3.47
N ARG B 112 -21.87 -16.91 3.26
CA ARG B 112 -22.17 -15.68 3.99
C ARG B 112 -21.55 -14.46 3.37
N GLY B 113 -22.14 -13.32 3.67
CA GLY B 113 -21.66 -12.04 3.16
C GLY B 113 -20.47 -11.54 3.96
N LEU B 114 -19.85 -10.47 3.47
CA LEU B 114 -18.79 -9.81 4.21
C LEU B 114 -19.33 -8.99 5.38
N THR B 115 -18.57 -8.92 6.46
CA THR B 115 -18.88 -8.00 7.55
C THR B 115 -18.70 -6.58 7.02
N GLU B 116 -19.22 -5.60 7.75
CA GLU B 116 -19.06 -4.23 7.32
C GLU B 116 -17.57 -3.80 7.30
N PRO B 117 -16.77 -4.20 8.29
CA PRO B 117 -15.33 -3.91 8.17
C PRO B 117 -14.59 -4.52 6.96
N GLN B 118 -15.02 -5.69 6.50
CA GLN B 118 -14.48 -6.30 5.30
C GLN B 118 -14.92 -5.48 4.10
N ILE B 119 -16.19 -5.14 4.05
CA ILE B 119 -16.70 -4.27 2.96
C ILE B 119 -15.94 -2.92 2.85
N GLN B 120 -15.59 -2.37 4.02
CA GLN B 120 -14.87 -1.09 4.08
C GLN B 120 -13.50 -1.13 3.37
N VAL B 121 -12.77 -2.23 3.55
CA VAL B 121 -11.45 -2.36 2.87
C VAL B 121 -11.63 -2.51 1.36
N VAL B 122 -12.55 -3.40 0.98
CA VAL B 122 -12.81 -3.60 -0.43
C VAL B 122 -13.25 -2.27 -1.07
N CYS B 123 -14.14 -1.53 -0.39
CA CYS B 123 -14.66 -0.28 -0.94
C CYS B 123 -13.54 0.75 -1.09
N ARG B 124 -12.74 0.91 -0.04
CA ARG B 124 -11.58 1.78 -0.07
C ARG B 124 -10.64 1.46 -1.23
N GLN B 125 -10.26 0.21 -1.34
CA GLN B 125 -9.29 -0.17 -2.37
C GLN B 125 -9.91 -0.03 -3.78
N MET B 126 -11.17 -0.37 -3.92
CA MET B 126 -11.83 -0.24 -5.23
C MET B 126 -11.85 1.24 -5.65
N LEU B 127 -12.18 2.15 -4.72
CA LEU B 127 -12.24 3.57 -5.03
C LEU B 127 -10.87 4.11 -5.42
N GLU B 128 -9.82 3.68 -4.74
CA GLU B 128 -8.47 4.07 -5.17
C GLU B 128 -8.16 3.52 -6.59
N ALA B 129 -8.59 2.29 -6.85
CA ALA B 129 -8.43 1.65 -8.14
C ALA B 129 -9.18 2.47 -9.16
N LEU B 130 -10.41 2.86 -8.84
CA LEU B 130 -11.23 3.61 -9.78
C LEU B 130 -10.72 5.04 -10.03
N ASN B 131 -10.27 5.71 -8.97
CA ASN B 131 -9.74 7.03 -9.11
C ASN B 131 -8.56 6.98 -10.07
N PHE B 132 -7.77 5.91 -9.94
CA PHE B 132 -6.61 5.77 -10.79
C PHE B 132 -7.04 5.57 -12.25
N LEU B 133 -7.98 4.67 -12.46
CA LEU B 133 -8.43 4.39 -13.84
C LEU B 133 -9.08 5.64 -14.45
N HIS B 134 -9.97 6.28 -13.67
CA HIS B 134 -10.67 7.45 -14.20
C HIS B 134 -9.73 8.56 -14.57
N SER B 135 -8.63 8.74 -13.86
CA SER B 135 -7.73 9.85 -14.12
C SER B 135 -6.92 9.58 -15.36
N LYS B 136 -6.70 8.27 -15.61
CA LYS B 136 -6.02 7.85 -16.82
C LYS B 136 -7.02 7.87 -17.97
N ARG B 137 -8.30 8.22 -17.72
CA ARG B 137 -9.34 8.23 -18.75
C ARG B 137 -9.90 6.85 -19.12
N ILE B 138 -9.90 5.91 -18.16
CA ILE B 138 -10.32 4.52 -18.39
C ILE B 138 -11.54 4.17 -17.57
N ILE B 139 -12.56 3.67 -18.25
CA ILE B 139 -13.78 3.29 -17.60
C ILE B 139 -13.75 1.77 -17.48
N HIS B 140 -14.07 1.24 -16.31
CA HIS B 140 -13.87 -0.20 -16.05
C HIS B 140 -14.92 -1.03 -16.73
N ARG B 141 -16.18 -0.65 -16.53
CA ARG B 141 -17.36 -1.17 -17.25
C ARG B 141 -17.78 -2.58 -16.86
N ASP B 142 -17.09 -3.22 -15.92
CA ASP B 142 -17.32 -4.66 -15.65
C ASP B 142 -17.27 -5.00 -14.14
N LEU B 143 -17.49 -3.99 -13.29
CA LEU B 143 -17.35 -4.13 -11.83
C LEU B 143 -18.43 -4.99 -11.25
N LYS B 144 -18.02 -5.96 -10.44
CA LYS B 144 -18.91 -6.77 -9.63
C LYS B 144 -18.01 -7.54 -8.66
N ALA B 145 -18.62 -8.20 -7.67
CA ALA B 145 -17.86 -9.00 -6.73
C ALA B 145 -16.95 -10.01 -7.45
N GLY B 146 -17.39 -10.51 -8.58
CA GLY B 146 -16.62 -11.51 -9.32
C GLY B 146 -15.33 -11.01 -9.97
N ASN B 147 -15.13 -9.68 -9.96
CA ASN B 147 -13.91 -9.06 -10.48
C ASN B 147 -12.99 -8.61 -9.34
N VAL B 148 -13.44 -8.79 -8.10
CA VAL B 148 -12.63 -8.43 -6.95
C VAL B 148 -11.83 -9.66 -6.48
N LEU B 149 -10.59 -9.73 -6.92
CA LEU B 149 -9.74 -10.86 -6.60
C LEU B 149 -8.93 -10.52 -5.39
N MET B 150 -8.58 -11.56 -4.64
CA MET B 150 -7.91 -11.41 -3.38
C MET B 150 -6.51 -12.05 -3.38
N THR B 151 -5.55 -11.33 -2.80
CA THR B 151 -4.23 -11.84 -2.49
C THR B 151 -4.18 -12.43 -1.06
N LEU B 152 -3.09 -13.14 -0.73
CA LEU B 152 -2.91 -13.71 0.63
C LEU B 152 -2.69 -12.61 1.67
N GLU B 153 -2.08 -11.52 1.23
CA GLU B 153 -1.79 -10.39 2.11
C GLU B 153 -3.06 -9.61 2.51
N GLY B 154 -4.18 -9.86 1.85
CA GLY B 154 -5.46 -9.17 2.15
C GLY B 154 -5.84 -7.95 1.30
N ASP B 155 -5.14 -7.74 0.20
CA ASP B 155 -5.48 -6.67 -0.75
C ASP B 155 -6.28 -7.21 -1.91
N ILE B 156 -7.08 -6.35 -2.53
CA ILE B 156 -7.79 -6.70 -3.75
C ILE B 156 -6.85 -6.48 -4.97
N ARG B 157 -7.19 -7.16 -6.06
CA ARG B 157 -6.77 -6.78 -7.39
C ARG B 157 -8.06 -6.74 -8.22
N LEU B 158 -8.33 -5.62 -8.89
CA LEU B 158 -9.49 -5.56 -9.77
C LEU B 158 -9.22 -6.21 -11.11
N ALA B 159 -10.03 -7.19 -11.47
CA ALA B 159 -9.90 -7.91 -12.77
C ALA B 159 -10.50 -7.04 -13.87
N ASP B 160 -9.87 -7.04 -15.05
CA ASP B 160 -10.44 -6.31 -16.21
C ASP B 160 -11.74 -6.96 -16.63
N PHE B 161 -11.75 -8.28 -16.63
CA PHE B 161 -12.93 -9.07 -16.99
C PHE B 161 -13.08 -10.17 -15.96
N GLY B 162 -14.34 -10.52 -15.68
CA GLY B 162 -14.62 -11.59 -14.77
C GLY B 162 -16.05 -12.08 -14.93
N VAL B 163 -16.32 -13.21 -14.26
CA VAL B 163 -17.65 -13.85 -14.21
C VAL B 163 -18.11 -13.99 -12.74
N SER B 164 -19.40 -13.82 -12.50
CA SER B 164 -19.95 -14.12 -11.19
C SER B 164 -19.77 -15.60 -10.92
N ALA B 165 -19.57 -15.95 -9.66
CA ALA B 165 -19.43 -17.34 -9.32
C ALA B 165 -20.76 -18.16 -9.59
N LYS B 166 -20.60 -19.31 -10.29
CA LYS B 166 -21.74 -20.07 -10.87
C LYS B 166 -21.60 -21.60 -10.74
N ILE B 178 -25.48 -16.06 -21.26
CA ILE B 178 -25.10 -15.71 -19.89
C ILE B 178 -25.38 -14.22 -19.57
N GLY B 179 -25.02 -13.83 -18.34
CA GLY B 179 -24.77 -12.43 -17.98
C GLY B 179 -25.94 -11.50 -17.72
N THR B 180 -26.64 -11.74 -16.60
CA THR B 180 -27.66 -10.82 -16.16
C THR B 180 -26.96 -9.56 -15.64
N PRO B 181 -27.27 -8.39 -16.22
CA PRO B 181 -26.54 -7.17 -15.91
C PRO B 181 -27.06 -6.42 -14.67
N TYR B 182 -26.85 -7.01 -13.50
CA TYR B 182 -27.35 -6.46 -12.23
C TYR B 182 -26.66 -5.15 -11.86
N TRP B 183 -25.43 -4.98 -12.34
CA TRP B 183 -24.62 -3.84 -11.93
C TRP B 183 -24.75 -2.66 -12.84
N MET B 184 -25.64 -2.74 -13.84
CA MET B 184 -25.68 -1.73 -14.87
C MET B 184 -26.29 -0.43 -14.36
N ALA B 185 -25.66 0.69 -14.73
CA ALA B 185 -26.11 2.00 -14.33
C ALA B 185 -27.34 2.43 -15.12
N PRO B 186 -28.21 3.21 -14.47
CA PRO B 186 -29.45 3.63 -15.12
C PRO B 186 -29.24 4.42 -16.40
N GLU B 187 -28.19 5.25 -16.46
CA GLU B 187 -27.90 6.01 -17.69
C GLU B 187 -27.62 5.07 -18.82
N VAL B 188 -26.98 3.95 -18.53
CA VAL B 188 -26.59 3.01 -19.57
C VAL B 188 -27.80 2.16 -19.96
N VAL B 189 -28.72 1.95 -19.03
CA VAL B 189 -29.98 1.26 -19.34
C VAL B 189 -30.89 2.14 -20.21
N MET B 190 -31.12 3.40 -19.76
CA MET B 190 -32.06 4.37 -20.43
C MET B 190 -33.58 3.89 -20.43
N PRO B 198 -18.86 12.34 -21.15
CA PRO B 198 -18.66 13.45 -20.19
C PRO B 198 -18.79 12.96 -18.75
N TYR B 199 -19.85 12.20 -18.48
CA TYR B 199 -20.00 11.49 -17.23
C TYR B 199 -19.95 9.97 -17.38
N ASP B 200 -19.32 9.45 -18.43
CA ASP B 200 -19.34 7.97 -18.69
C ASP B 200 -18.63 7.23 -17.55
N TYR B 201 -17.58 7.83 -16.99
CA TYR B 201 -16.89 7.24 -15.84
C TYR B 201 -17.81 7.00 -14.64
N LYS B 202 -18.87 7.80 -14.54
CA LYS B 202 -19.77 7.74 -13.40
C LYS B 202 -20.50 6.43 -13.30
N ALA B 203 -20.65 5.73 -14.41
CA ALA B 203 -21.34 4.45 -14.38
C ALA B 203 -20.60 3.51 -13.48
N ASP B 204 -19.27 3.61 -13.43
CA ASP B 204 -18.52 2.71 -12.56
C ASP B 204 -18.91 2.93 -11.08
N ILE B 205 -19.21 4.17 -10.70
CA ILE B 205 -19.53 4.47 -9.28
C ILE B 205 -20.84 3.75 -8.87
N TRP B 206 -21.84 3.82 -9.74
CA TRP B 206 -23.07 3.06 -9.54
C TRP B 206 -22.80 1.59 -9.39
N SER B 207 -21.97 1.02 -10.27
CA SER B 207 -21.68 -0.40 -10.17
C SER B 207 -20.93 -0.77 -8.87
N LEU B 208 -20.07 0.13 -8.40
CA LEU B 208 -19.43 -0.05 -7.08
C LEU B 208 -20.48 -0.13 -6.00
N GLY B 209 -21.42 0.80 -6.01
CA GLY B 209 -22.52 0.75 -5.08
C GLY B 209 -23.25 -0.56 -5.10
N ILE B 210 -23.57 -1.05 -6.28
CA ILE B 210 -24.28 -2.35 -6.38
C ILE B 210 -23.37 -3.45 -5.84
N THR B 211 -22.07 -3.38 -6.16
CA THR B 211 -21.11 -4.41 -5.71
C THR B 211 -21.08 -4.47 -4.20
N LEU B 212 -21.25 -3.32 -3.52
CA LEU B 212 -21.23 -3.33 -2.03
C LEU B 212 -22.41 -4.05 -1.42
N ILE B 213 -23.60 -3.78 -1.93
CA ILE B 213 -24.83 -4.51 -1.56
C ILE B 213 -24.63 -5.99 -1.83
N GLU B 214 -24.06 -6.30 -2.98
CA GLU B 214 -23.77 -7.70 -3.33
C GLU B 214 -22.91 -8.33 -2.23
N MET B 215 -21.92 -7.59 -1.75
CA MET B 215 -21.01 -8.13 -0.74
C MET B 215 -21.71 -8.22 0.61
N ALA B 216 -22.58 -7.25 0.88
CA ALA B 216 -23.33 -7.27 2.14
C ALA B 216 -24.34 -8.43 2.19
N GLN B 217 -24.88 -8.83 1.03
CA GLN B 217 -26.00 -9.77 1.01
C GLN B 217 -25.80 -10.99 0.13
N ILE B 218 -24.55 -11.23 -0.29
CA ILE B 218 -24.16 -12.37 -1.18
C ILE B 218 -24.63 -12.16 -2.63
N GLU B 219 -25.89 -11.77 -2.80
CA GLU B 219 -26.50 -11.60 -4.14
C GLU B 219 -26.82 -10.14 -4.34
N PRO B 220 -26.79 -9.68 -5.58
CA PRO B 220 -27.09 -8.28 -5.84
C PRO B 220 -28.60 -8.06 -5.94
N PRO B 221 -29.05 -6.79 -5.91
CA PRO B 221 -30.49 -6.49 -5.94
C PRO B 221 -31.11 -7.08 -7.19
N HIS B 222 -32.36 -7.49 -7.09
CA HIS B 222 -33.12 -8.11 -8.22
C HIS B 222 -32.65 -9.48 -8.61
N HIS B 223 -31.83 -10.12 -7.77
CA HIS B 223 -31.44 -11.51 -8.01
C HIS B 223 -32.61 -12.44 -8.19
N GLU B 224 -33.74 -12.14 -7.54
CA GLU B 224 -34.92 -13.03 -7.57
C GLU B 224 -35.75 -12.97 -8.86
N LEU B 225 -35.56 -11.92 -9.66
CA LEU B 225 -36.43 -11.67 -10.80
C LEU B 225 -36.07 -12.55 -11.97
N ASN B 226 -36.99 -12.62 -12.92
CA ASN B 226 -36.75 -13.18 -14.22
C ASN B 226 -35.62 -12.34 -14.86
N PRO B 227 -34.49 -12.98 -15.25
CA PRO B 227 -33.36 -12.14 -15.70
C PRO B 227 -33.75 -11.21 -16.83
N MET B 228 -34.68 -11.64 -17.66
CA MET B 228 -35.19 -10.80 -18.72
C MET B 228 -35.75 -9.44 -18.26
N ARG B 229 -36.18 -9.35 -17.02
CA ARG B 229 -36.79 -8.12 -16.48
C ARG B 229 -35.81 -7.22 -15.67
N VAL B 230 -34.57 -7.62 -15.51
CA VAL B 230 -33.70 -6.89 -14.63
C VAL B 230 -33.45 -5.48 -15.13
N LEU B 231 -33.08 -5.31 -16.40
CA LEU B 231 -32.84 -3.95 -16.92
C LEU B 231 -34.09 -3.07 -16.82
N LEU B 232 -35.24 -3.61 -17.23
CA LEU B 232 -36.52 -2.91 -17.06
C LEU B 232 -36.73 -2.43 -15.61
N LYS B 233 -36.44 -3.31 -14.64
CA LYS B 233 -36.63 -3.01 -13.24
C LYS B 233 -35.63 -1.94 -12.79
N ILE B 234 -34.41 -1.98 -13.28
CA ILE B 234 -33.48 -0.93 -12.87
C ILE B 234 -34.00 0.45 -13.32
N ALA B 235 -34.58 0.53 -14.53
CA ALA B 235 -35.07 1.80 -15.05
C ALA B 235 -36.26 2.32 -14.28
N LYS B 236 -37.21 1.44 -13.97
CA LYS B 236 -38.45 1.87 -13.32
C LYS B 236 -38.27 2.10 -11.81
N SER B 237 -37.29 1.45 -11.20
CA SER B 237 -37.17 1.45 -9.74
C SER B 237 -36.38 2.61 -9.17
N ASP B 238 -36.66 2.92 -7.91
CA ASP B 238 -35.82 3.80 -7.13
C ASP B 238 -34.50 3.05 -6.90
N PRO B 239 -33.45 3.78 -6.50
CA PRO B 239 -32.20 3.08 -6.24
C PRO B 239 -32.36 2.08 -5.11
N PRO B 240 -31.64 0.95 -5.18
CA PRO B 240 -31.72 -0.09 -4.15
C PRO B 240 -31.03 0.30 -2.84
N THR B 241 -31.52 -0.33 -1.75
CA THR B 241 -31.11 -0.07 -0.37
C THR B 241 -30.84 -1.41 0.32
N LEU B 242 -30.12 -1.36 1.43
CA LEU B 242 -29.81 -2.59 2.17
C LEU B 242 -31.09 -3.17 2.72
N LEU B 243 -31.18 -4.52 2.73
CA LEU B 243 -32.39 -5.23 3.13
C LEU B 243 -32.69 -5.06 4.63
N THR B 244 -31.67 -5.21 5.49
CA THR B 244 -31.83 -5.04 6.95
C THR B 244 -30.97 -3.86 7.48
N PRO B 245 -31.41 -2.60 7.22
CA PRO B 245 -30.64 -1.40 7.54
C PRO B 245 -30.08 -1.34 8.97
N SER B 246 -30.83 -1.85 9.95
CA SER B 246 -30.36 -1.84 11.36
C SER B 246 -29.07 -2.69 11.59
N LYS B 247 -28.77 -3.60 10.66
CA LYS B 247 -27.56 -4.44 10.71
C LYS B 247 -26.29 -3.62 10.32
N TRP B 248 -26.48 -2.42 9.79
CA TRP B 248 -25.39 -1.66 9.14
C TRP B 248 -25.29 -0.25 9.63
N SER B 249 -24.09 0.33 9.54
CA SER B 249 -23.87 1.65 10.13
C SER B 249 -24.51 2.76 9.29
N VAL B 250 -24.72 3.90 9.93
CA VAL B 250 -25.23 5.08 9.28
C VAL B 250 -24.30 5.45 8.12
N GLU B 251 -22.99 5.34 8.35
CA GLU B 251 -21.95 5.65 7.34
C GLU B 251 -22.17 4.85 6.03
N PHE B 252 -22.37 3.55 6.21
CA PHE B 252 -22.56 2.64 5.10
C PHE B 252 -23.84 2.97 4.32
N ARG B 253 -24.96 3.14 5.03
CA ARG B 253 -26.23 3.49 4.37
C ARG B 253 -26.15 4.83 3.60
N ASP B 254 -25.45 5.80 4.18
CA ASP B 254 -25.24 7.09 3.55
C ASP B 254 -24.31 6.99 2.30
N PHE B 255 -23.25 6.18 2.40
CA PHE B 255 -22.33 5.98 1.25
C PHE B 255 -23.12 5.46 0.04
N LEU B 256 -23.92 4.42 0.27
CA LEU B 256 -24.82 3.87 -0.76
C LEU B 256 -25.78 4.91 -1.31
N LYS B 257 -26.48 5.61 -0.43
CA LYS B 257 -27.47 6.58 -0.85
C LYS B 257 -26.85 7.54 -1.87
N ILE B 258 -25.66 8.08 -1.59
CA ILE B 258 -25.07 9.06 -2.52
C ILE B 258 -24.41 8.41 -3.75
N ALA B 259 -23.83 7.21 -3.58
CA ALA B 259 -23.22 6.47 -4.70
C ALA B 259 -24.28 6.02 -5.69
N LEU B 260 -25.39 5.48 -5.17
CA LEU B 260 -26.51 5.01 -5.99
C LEU B 260 -27.50 6.14 -6.39
N ASP B 261 -26.91 7.19 -6.95
CA ASP B 261 -27.65 8.34 -7.50
C ASP B 261 -27.99 8.02 -8.94
N LYS B 262 -29.26 8.10 -9.32
CA LYS B 262 -29.63 7.73 -10.71
C LYS B 262 -29.12 8.75 -11.72
N ASN B 263 -28.84 9.96 -11.26
CA ASN B 263 -28.37 11.02 -12.13
C ASN B 263 -26.83 11.03 -12.12
N PRO B 264 -26.22 10.70 -13.27
CA PRO B 264 -24.79 10.59 -13.28
C PRO B 264 -24.07 11.93 -13.03
N GLU B 265 -24.72 13.05 -13.39
CA GLU B 265 -24.17 14.39 -13.10
C GLU B 265 -23.94 14.65 -11.61
N THR B 266 -24.92 14.34 -10.77
CA THR B 266 -24.82 14.60 -9.34
C THR B 266 -24.13 13.45 -8.60
N ARG B 267 -24.08 12.29 -9.21
CA ARG B 267 -23.40 11.16 -8.60
C ARG B 267 -21.93 11.55 -8.35
N PRO B 268 -21.41 11.22 -7.16
CA PRO B 268 -20.05 11.65 -6.81
C PRO B 268 -18.96 10.82 -7.49
N SER B 269 -17.80 11.46 -7.68
CA SER B 269 -16.63 10.80 -8.23
C SER B 269 -15.99 9.88 -7.19
N ALA B 270 -15.10 9.02 -7.66
CA ALA B 270 -14.31 8.17 -6.76
C ALA B 270 -13.49 9.05 -5.83
N ALA B 271 -12.86 10.10 -6.37
CA ALA B 271 -12.12 11.01 -5.51
C ALA B 271 -13.02 11.57 -4.38
N GLN B 272 -14.26 11.95 -4.70
CA GLN B 272 -15.16 12.50 -3.69
C GLN B 272 -15.60 11.42 -2.65
N LEU B 273 -15.96 10.25 -3.13
CA LEU B 273 -16.28 9.14 -2.22
C LEU B 273 -15.14 8.74 -1.24
N LEU B 274 -13.88 8.85 -1.66
CA LEU B 274 -12.73 8.53 -0.80
C LEU B 274 -12.63 9.46 0.41
N GLU B 275 -13.31 10.60 0.39
CA GLU B 275 -13.41 11.47 1.55
C GLU B 275 -14.66 11.26 2.41
N HIS B 276 -15.48 10.28 2.06
CA HIS B 276 -16.65 9.93 2.85
C HIS B 276 -16.23 9.18 4.10
N PRO B 277 -16.86 9.48 5.25
CA PRO B 277 -16.42 8.84 6.51
C PRO B 277 -16.42 7.30 6.48
N PHE B 278 -17.15 6.69 5.56
CA PHE B 278 -17.18 5.23 5.47
C PHE B 278 -15.83 4.62 5.08
N VAL B 279 -15.02 5.38 4.35
CA VAL B 279 -13.70 4.89 3.92
C VAL B 279 -12.51 5.82 4.23
N SER B 280 -12.77 7.08 4.63
CA SER B 280 -11.70 8.06 4.67
C SER B 280 -10.60 7.68 5.68
N SER B 281 -10.96 6.87 6.67
CA SER B 281 -10.01 6.46 7.71
C SER B 281 -9.56 4.99 7.60
N ILE B 282 -9.83 4.33 6.48
CA ILE B 282 -9.44 2.91 6.35
C ILE B 282 -8.01 2.85 5.84
N THR B 283 -7.11 2.40 6.68
CA THR B 283 -5.68 2.35 6.38
C THR B 283 -5.08 0.96 6.52
N SER B 284 -5.87 0.02 7.05
CA SER B 284 -5.45 -1.36 7.22
C SER B 284 -6.40 -2.38 6.58
N ASN B 285 -5.82 -3.37 5.91
CA ASN B 285 -6.61 -4.43 5.26
C ASN B 285 -6.95 -5.63 6.18
N LYS B 286 -6.72 -5.51 7.49
CA LYS B 286 -6.71 -6.69 8.35
C LYS B 286 -8.04 -7.47 8.30
N ALA B 287 -9.17 -6.78 8.31
CA ALA B 287 -10.49 -7.45 8.29
C ALA B 287 -10.59 -8.45 7.13
N LEU B 288 -10.16 -8.00 5.96
CA LEU B 288 -10.13 -8.82 4.76
C LEU B 288 -9.09 -9.94 4.81
N ARG B 289 -7.88 -9.59 5.24
CA ARG B 289 -6.83 -10.56 5.45
C ARG B 289 -7.36 -11.76 6.26
N GLU B 290 -8.15 -11.51 7.30
CA GLU B 290 -8.70 -12.62 8.11
C GLU B 290 -9.74 -13.45 7.37
N LEU B 291 -10.50 -12.80 6.49
CA LEU B 291 -11.51 -13.48 5.69
C LEU B 291 -10.89 -14.47 4.69
N VAL B 292 -9.82 -14.04 4.04
CA VAL B 292 -9.06 -14.89 3.12
C VAL B 292 -8.45 -16.08 3.88
N ALA B 293 -7.90 -15.80 5.07
CA ALA B 293 -7.33 -16.85 5.92
C ALA B 293 -8.37 -17.94 6.23
N GLU B 294 -9.58 -17.52 6.61
CA GLU B 294 -10.69 -18.45 6.90
C GLU B 294 -11.10 -19.28 5.68
N ALA B 295 -11.26 -18.63 4.53
CA ALA B 295 -11.66 -19.35 3.31
C ALA B 295 -10.59 -20.32 2.81
N LYS B 296 -9.34 -20.10 3.24
CA LYS B 296 -8.20 -20.95 2.91
C LYS B 296 -8.21 -22.28 3.70
N ALA B 297 -8.75 -22.26 4.92
CA ALA B 297 -8.90 -23.47 5.75
C ALA B 297 -10.11 -24.36 5.35
N GLU B 298 -11.17 -23.73 4.85
CA GLU B 298 -12.44 -24.42 4.50
C GLU B 298 -12.33 -25.29 3.22
N VAL B 299 -11.43 -24.92 2.30
CA VAL B 299 -11.31 -25.61 1.00
C VAL B 299 -10.76 -27.03 1.14
CL CL C . 36.07 -7.44 13.18
CL CL D . 9.57 -8.59 0.44
CL CL E . 7.05 -17.08 18.97
CL CL F . 4.46 23.99 1.94
N1 GW8 G . 9.15 16.34 13.04
C2 GW8 G . 10.37 16.39 13.57
N3 GW8 G . 11.42 16.27 12.79
C4 GW8 G . 11.30 16.01 11.48
C5 GW8 G . 10.06 15.94 10.91
C6 GW8 G . 8.96 16.10 11.70
CAA GW8 G . 20.90 9.57 1.52
CAB GW8 G . 13.72 15.92 11.49
CAC GW8 G . 13.56 15.74 20.82
OAD GW8 G . 14.41 15.67 4.77
OAE GW8 G . 18.71 15.22 2.73
OAF GW8 G . 14.92 14.39 18.89
OAG GW8 G . 16.16 16.08 20.19
CAH GW8 G . 15.08 14.48 0.07
CAJ GW8 G . 14.08 14.34 1.05
CAK GW8 G . 16.42 14.47 0.44
CAM GW8 G . 13.73 16.35 16.38
CAN GW8 G . 12.24 17.50 17.85
CAO GW8 G . 12.73 16.19 15.44
CAP GW8 G . 11.25 17.33 16.90
CAQ GW8 G . 12.23 13.98 7.69
CAR GW8 G . 12.77 16.24 7.15
CAS GW8 G . 12.18 14.29 9.03
CAT GW8 G . 12.74 16.54 8.51
CAU GW8 G . 15.80 14.23 2.74
CAV GW8 G . 20.89 11.92 2.18
CAW GW8 G . 19.04 10.84 0.88
CAX GW8 G . 20.47 13.29 1.71
CAY GW8 G . 18.37 12.22 0.75
CAZ GW8 G . 14.55 17.21 18.50
NBC GW8 G . 12.56 14.47 5.46
NBD GW8 G . 13.44 14.14 3.37
NBE GW8 G . 10.40 16.55 14.90
CBF GW8 G . 13.55 14.80 4.56
CBG GW8 G . 18.20 14.31 2.04
CBH GW8 G . 13.50 17.00 17.58
CBI GW8 G . 12.53 14.93 6.73
CBJ GW8 G . 11.47 16.69 15.68
CBK GW8 G . 14.42 14.28 2.40
CBL GW8 G . 16.81 14.33 1.78
CBM GW8 G . 12.42 15.59 9.44
NBP GW8 G . 20.48 10.96 1.12
NBQ GW8 G . 12.41 15.89 10.76
NBR GW8 G . 18.95 13.32 1.51
SBS GW8 G . 14.81 15.78 19.56
CL CL H . -21.76 -12.52 -15.33
CL CL I . -40.16 -5.48 -13.98
N1 GW8 J . -5.88 -14.57 -10.18
C2 GW8 J . -6.87 -15.47 -10.23
N3 GW8 J . -7.63 -15.57 -11.33
C4 GW8 J . -7.49 -14.77 -12.42
C5 GW8 J . -6.46 -13.82 -12.41
C6 GW8 J . -5.64 -13.74 -11.28
CAA GW8 J . -17.77 -9.74 -23.74
CAB GW8 J . -9.23 -16.08 -13.49
CAC GW8 J . -10.83 -21.60 -5.58
OAD GW8 J . -9.55 -12.69 -19.02
OAE GW8 J . -12.75 -13.17 -22.40
OAF GW8 J . -11.94 -19.35 -6.63
OAG GW8 J . -12.66 -21.59 -7.53
CAH GW8 J . -10.05 -9.57 -23.03
CAJ GW8 J . -9.44 -9.64 -21.77
CAK GW8 J . -11.20 -10.34 -23.27
CAM GW8 J . -8.36 -19.32 -7.76
CAN GW8 J . -9.72 -18.72 -9.65
CAO GW8 J . -7.58 -18.17 -7.99
CAP GW8 J . -8.96 -17.57 -9.87
CAQ GW8 J . -7.97 -13.45 -16.81
CAR GW8 J . -8.97 -11.85 -15.30
CAS GW8 J . -7.91 -14.36 -15.75
CAT GW8 J . -8.94 -12.75 -14.26
CAU GW8 J . -11.11 -11.24 -21.02
CAV GW8 J . -15.44 -9.72 -24.23
CAW GW8 J . -16.47 -11.68 -23.03
CAX GW8 J . -14.38 -9.96 -23.14
CAY GW8 J . -15.21 -12.37 -23.28
CAZ GW8 J . -10.23 -20.77 -8.37
NBC GW8 J . -8.59 -11.24 -17.54
NBD GW8 J . -9.34 -10.46 -19.57
NBE GW8 J . -7.03 -16.23 -9.13
CBF GW8 J . -9.20 -11.54 -18.72
CBG GW8 J . -12.88 -11.95 -22.55
CBH GW8 J . -9.45 -19.59 -8.58
CBI GW8 J . -8.48 -12.18 -16.58
CBJ GW8 J . -7.85 -17.29 -9.04
CBK GW8 J . -9.95 -10.49 -20.77
CBL GW8 J . -11.75 -11.15 -22.27
CBM GW8 J . -8.39 -14.03 -14.48
NBP GW8 J . -16.60 -10.59 -24.04
NBQ GW8 J . -8.31 -14.93 -13.48
NBR GW8 J . -14.08 -11.43 -22.98
SBS GW8 J . -11.48 -20.77 -7.02
#